data_3LCA
#
_entry.id   3LCA
#
_cell.length_a   51.148
_cell.length_b   97.971
_cell.length_c   129.102
_cell.angle_alpha   90.00
_cell.angle_beta   90.00
_cell.angle_gamma   90.00
#
_symmetry.space_group_name_H-M   'P 21 21 21'
#
loop_
_entity.id
_entity.type
_entity.pdbx_description
1 polymer 'Protein TOM71'
2 polymer 'Heat shock protein SSA1'
3 non-polymer GLYCEROL
4 water water
#
loop_
_entity_poly.entity_id
_entity_poly.type
_entity_poly.pdbx_seq_one_letter_code
_entity_poly.pdbx_strand_id
1 'polypeptide(L)'
;NGEPDIAQLKGLSPSQRQAYAVQLKNRGNHFFTAKNFNEAIKYYQYAIELDPNEPVFYSNISACYISTGDLEKVIEFTTK
ALEIKPDHSKALLRRASANESLGNFTDAMFDLSVLSLNGDFDGASIEPMLERNLNKQAMKVLNENLSKDEGRGSQVLPSN
TSLASFFGIFDSHLEVSSVNTSSNYDTAYALLSDALQRLYSATDEGYLVANDLLTKSTDMYHSLLSANTVDDPLRENAAL
ALCYTGIFHFLKNNLLDAQVLLQESINLHPTPNSYIFLALTLADKENSQEFFKFFQKAVDLNPEYPPTYYHRGQMYFILQ
DYKNAKEDFQKAQSLNPENVYPYIQLACLLYKQGKFTESEAFFNETKLKFPTLPEVPTFFAEILTDRGDFDTAIKQYDIA
KRLEEVQEKIHVGIGPLIGKATILARQSSQDPTQLDEEKFNAAIKLLTKACELDPRSEQAKIGLAQLKLQMEKIDEAIEL
FEDSAILARTMDEKLQATTFAEAAKIQKRLRADPIISAKMELTLARYRAKGML
;
A
2 'polypeptide(L)' PEAEGPTVEEVD Q
#
# COMPACT_ATOMS: atom_id res chain seq x y z
N GLN A 18 46.01 7.17 35.16
CA GLN A 18 45.42 7.57 33.86
C GLN A 18 46.43 7.44 32.70
N ALA A 19 47.63 7.96 32.92
CA ALA A 19 48.68 7.96 31.89
C ALA A 19 49.26 6.57 31.62
N TYR A 20 49.43 5.78 32.67
CA TYR A 20 49.95 4.41 32.53
C TYR A 20 48.90 3.50 31.87
N ALA A 21 47.62 3.78 32.15
CA ALA A 21 46.51 3.06 31.53
C ALA A 21 46.48 3.26 30.01
N VAL A 22 46.82 4.47 29.58
CA VAL A 22 46.95 4.79 28.14
C VAL A 22 48.13 4.04 27.53
N GLN A 23 49.25 4.00 28.25
CA GLN A 23 50.41 3.22 27.83
C GLN A 23 50.09 1.74 27.67
N LEU A 24 49.29 1.20 28.60
CA LEU A 24 48.85 -0.20 28.58
C LEU A 24 47.90 -0.49 27.42
N LYS A 25 46.97 0.44 27.18
CA LYS A 25 46.07 0.38 26.02
C LYS A 25 46.86 0.33 24.72
N ASN A 26 47.86 1.20 24.58
CA ASN A 26 48.74 1.19 23.42
C ASN A 26 49.52 -0.11 23.27
N ARG A 27 49.92 -0.73 24.38
CA ARG A 27 50.52 -2.06 24.34
C ARG A 27 49.49 -3.08 23.83
N GLY A 28 48.26 -2.98 24.32
CA GLY A 28 47.15 -3.79 23.83
C GLY A 28 46.85 -3.58 22.36
N ASN A 29 46.93 -2.32 21.91
CA ASN A 29 46.78 -1.97 20.49
C ASN A 29 47.81 -2.68 19.60
N HIS A 30 49.05 -2.76 20.09
CA HIS A 30 50.12 -3.49 19.42
C HIS A 30 49.78 -4.97 19.21
N PHE A 31 49.25 -5.60 20.26
CA PHE A 31 48.85 -7.01 20.19
C PHE A 31 47.63 -7.23 19.30
N PHE A 32 46.72 -6.25 19.28
CA PHE A 32 45.56 -6.28 18.39
C PHE A 32 45.97 -6.28 16.91
N THR A 33 46.90 -5.40 16.57
CA THR A 33 47.39 -5.22 15.20
C THR A 33 48.02 -6.51 14.66
N ALA A 34 48.72 -7.22 15.54
CA ALA A 34 49.34 -8.50 15.20
C ALA A 34 48.37 -9.71 15.33
N LYS A 35 47.07 -9.42 15.43
CA LYS A 35 46.02 -10.45 15.57
C LYS A 35 46.16 -11.36 16.79
N ASN A 36 46.90 -10.87 17.81
CA ASN A 36 46.97 -11.54 19.10
C ASN A 36 45.92 -10.91 20.03
N PHE A 37 44.68 -11.35 19.86
CA PHE A 37 43.53 -10.70 20.51
C PHE A 37 43.45 -11.00 22.00
N ASN A 38 43.83 -12.22 22.39
CA ASN A 38 43.89 -12.61 23.80
C ASN A 38 44.84 -11.75 24.63
N GLU A 39 46.01 -11.45 24.08
CA GLU A 39 46.98 -10.55 24.73
C GLU A 39 46.50 -9.10 24.75
N ALA A 40 45.80 -8.68 23.69
CA ALA A 40 45.21 -7.36 23.62
C ALA A 40 44.17 -7.12 24.72
N ILE A 41 43.25 -8.07 24.87
CA ILE A 41 42.22 -8.01 25.92
C ILE A 41 42.84 -7.94 27.31
N LYS A 42 43.89 -8.73 27.52
CA LYS A 42 44.65 -8.75 28.77
C LYS A 42 45.20 -7.36 29.13
N TYR A 43 45.71 -6.64 28.14
CA TYR A 43 46.27 -5.30 28.37
C TYR A 43 45.19 -4.23 28.53
N TYR A 44 44.08 -4.38 27.81
CA TYR A 44 42.94 -3.48 27.96
C TYR A 44 42.28 -3.62 29.34
N GLN A 45 42.14 -4.86 29.81
CA GLN A 45 41.65 -5.13 31.17
C GLN A 45 42.63 -4.61 32.22
N TYR A 46 43.93 -4.70 31.91
CA TYR A 46 44.97 -4.08 32.75
C TYR A 46 44.72 -2.58 32.89
N ALA A 47 44.43 -1.93 31.77
CA ALA A 47 44.16 -0.48 31.74
C ALA A 47 42.91 -0.12 32.54
N ILE A 48 41.89 -0.97 32.43
CA ILE A 48 40.63 -0.82 33.18
C ILE A 48 40.85 -0.94 34.69
N GLU A 49 41.82 -1.74 35.10
CA GLU A 49 42.18 -1.90 36.51
C GLU A 49 42.87 -0.67 37.10
N LEU A 50 43.36 0.21 36.22
CA LEU A 50 44.02 1.45 36.62
C LEU A 50 43.13 2.67 36.39
N ASP A 51 42.27 2.60 35.38
CA ASP A 51 41.34 3.67 35.03
C ASP A 51 40.11 3.07 34.33
N PRO A 52 39.05 2.77 35.12
CA PRO A 52 37.84 2.12 34.58
C PRO A 52 36.85 3.08 33.92
N ASN A 53 37.10 4.38 34.03
CA ASN A 53 36.17 5.39 33.52
C ASN A 53 36.38 5.76 32.05
N GLU A 54 37.39 5.16 31.44
CA GLU A 54 37.70 5.38 30.01
C GLU A 54 36.94 4.40 29.12
N PRO A 55 35.99 4.91 28.29
CA PRO A 55 35.18 4.08 27.40
C PRO A 55 35.97 3.35 26.32
N VAL A 56 37.07 3.96 25.85
CA VAL A 56 37.90 3.41 24.78
C VAL A 56 38.44 2.01 25.11
N PHE A 57 38.76 1.77 26.38
CA PHE A 57 39.29 0.47 26.81
C PHE A 57 38.27 -0.64 26.55
N TYR A 58 37.02 -0.39 26.97
CA TYR A 58 35.91 -1.34 26.77
C TYR A 58 35.59 -1.49 25.29
N SER A 59 35.64 -0.37 24.58
CA SER A 59 35.40 -0.34 23.13
C SER A 59 36.46 -1.15 22.37
N ASN A 60 37.72 -1.01 22.79
CA ASN A 60 38.83 -1.78 22.22
C ASN A 60 38.70 -3.29 22.44
N ILE A 61 38.20 -3.67 23.62
CA ILE A 61 37.93 -5.08 23.92
C ILE A 61 36.85 -5.67 22.99
N SER A 62 35.81 -4.88 22.70
CA SER A 62 34.76 -5.32 21.78
C SER A 62 35.25 -5.53 20.33
N ALA A 63 36.28 -4.77 19.93
CA ALA A 63 36.94 -4.97 18.64
C ALA A 63 37.66 -6.32 18.56
N CYS A 64 38.19 -6.76 19.71
CA CYS A 64 38.86 -8.06 19.80
C CYS A 64 37.86 -9.20 19.71
N TYR A 65 36.71 -9.02 20.36
CA TYR A 65 35.66 -10.05 20.38
C TYR A 65 34.91 -10.18 19.05
N ILE A 66 34.81 -9.10 18.30
CA ILE A 66 34.17 -9.15 16.98
C ILE A 66 35.10 -9.81 15.94
N SER A 67 36.41 -9.68 16.17
CA SER A 67 37.42 -10.26 15.30
C SER A 67 37.56 -11.77 15.50
N THR A 68 37.12 -12.25 16.67
CA THR A 68 37.13 -13.69 16.98
C THR A 68 35.75 -14.31 16.74
N GLY A 69 34.71 -13.48 16.83
CA GLY A 69 33.35 -13.90 16.51
C GLY A 69 32.44 -14.10 17.70
N ASP A 70 32.90 -13.67 18.88
CA ASP A 70 32.09 -13.75 20.09
C ASP A 70 31.18 -12.53 20.18
N LEU A 71 30.01 -12.64 19.56
CA LEU A 71 29.06 -11.52 19.45
C LEU A 71 28.46 -11.11 20.78
N GLU A 72 28.24 -12.09 21.66
CA GLU A 72 27.66 -11.86 22.98
C GLU A 72 28.56 -10.96 23.85
N LYS A 73 29.87 -11.20 23.78
CA LYS A 73 30.86 -10.39 24.49
C LYS A 73 31.01 -8.99 23.90
N VAL A 74 30.80 -8.87 22.58
CA VAL A 74 30.78 -7.59 21.90
C VAL A 74 29.71 -6.70 22.50
N ILE A 75 28.51 -7.25 22.69
CA ILE A 75 27.40 -6.53 23.31
C ILE A 75 27.73 -6.13 24.74
N GLU A 76 28.29 -7.06 25.51
CA GLU A 76 28.70 -6.75 26.89
C GLU A 76 29.62 -5.53 26.95
N PHE A 77 30.67 -5.54 26.14
CA PHE A 77 31.70 -4.51 26.23
C PHE A 77 31.40 -3.19 25.52
N THR A 78 30.66 -3.23 24.41
CA THR A 78 30.15 -1.99 23.79
C THR A 78 29.18 -1.28 24.73
N THR A 79 28.32 -2.04 25.38
CA THR A 79 27.36 -1.53 26.35
C THR A 79 28.07 -0.84 27.51
N LYS A 80 29.13 -1.46 28.03
CA LYS A 80 29.94 -0.88 29.09
C LYS A 80 30.57 0.45 28.65
N ALA A 81 31.02 0.51 27.40
CA ALA A 81 31.53 1.75 26.81
C ALA A 81 30.42 2.80 26.70
N LEU A 82 29.25 2.36 26.25
CA LEU A 82 28.13 3.25 26.00
C LEU A 82 27.39 3.67 27.28
N GLU A 83 27.59 2.91 28.35
CA GLU A 83 27.10 3.30 29.67
C GLU A 83 27.91 4.49 30.23
N ILE A 84 29.15 4.61 29.78
CA ILE A 84 30.00 5.74 30.12
C ILE A 84 29.79 6.88 29.12
N LYS A 85 29.99 6.58 27.84
CA LYS A 85 29.87 7.56 26.77
C LYS A 85 28.84 7.06 25.75
N PRO A 86 27.56 7.49 25.92
CA PRO A 86 26.45 6.98 25.10
C PRO A 86 26.45 7.38 23.61
N ASP A 87 27.33 8.31 23.23
CA ASP A 87 27.44 8.72 21.83
C ASP A 87 28.70 8.17 21.16
N HIS A 88 29.36 7.22 21.82
CA HIS A 88 30.60 6.62 21.32
C HIS A 88 30.35 5.88 20.00
N SER A 89 30.89 6.44 18.92
CA SER A 89 30.56 6.03 17.56
C SER A 89 30.93 4.59 17.20
N LYS A 90 32.14 4.19 17.58
CA LYS A 90 32.63 2.84 17.30
C LYS A 90 31.89 1.79 18.12
N ALA A 91 31.56 2.13 19.36
CA ALA A 91 30.81 1.24 20.24
C ALA A 91 29.35 1.10 19.79
N LEU A 92 28.78 2.18 19.25
CA LEU A 92 27.43 2.14 18.69
C LEU A 92 27.38 1.30 17.41
N LEU A 93 28.40 1.46 16.56
CA LEU A 93 28.49 0.73 15.29
C LEU A 93 28.74 -0.75 15.53
N ARG A 94 29.65 -1.06 16.45
CA ARG A 94 29.92 -2.45 16.83
C ARG A 94 28.73 -3.15 17.47
N ARG A 95 28.05 -2.46 18.39
CA ARG A 95 26.88 -3.02 19.07
C ARG A 95 25.78 -3.33 18.06
N ALA A 96 25.57 -2.42 17.10
CA ALA A 96 24.57 -2.61 16.05
C ALA A 96 24.92 -3.80 15.15
N SER A 97 26.20 -3.97 14.88
CA SER A 97 26.70 -5.06 14.04
C SER A 97 26.48 -6.43 14.70
N ALA A 98 26.81 -6.52 15.98
CA ALA A 98 26.61 -7.75 16.75
C ALA A 98 25.12 -8.01 16.95
N ASN A 99 24.35 -6.94 17.17
CA ASN A 99 22.89 -7.08 17.28
C ASN A 99 22.23 -7.59 16.00
N GLU A 100 22.64 -7.04 14.84
CA GLU A 100 22.13 -7.52 13.54
C GLU A 100 22.46 -8.99 13.34
N SER A 101 23.71 -9.37 13.59
CA SER A 101 24.15 -10.75 13.48
C SER A 101 23.35 -11.69 14.38
N LEU A 102 22.98 -11.21 15.57
CA LEU A 102 22.19 -11.99 16.53
C LEU A 102 20.68 -11.94 16.23
N GLY A 103 20.28 -11.15 15.24
CA GLY A 103 18.88 -11.05 14.84
C GLY A 103 18.09 -9.98 15.58
N ASN A 104 18.78 -9.16 16.38
CA ASN A 104 18.14 -8.05 17.09
C ASN A 104 18.13 -6.80 16.21
N PHE A 105 17.27 -6.81 15.18
CA PHE A 105 17.19 -5.74 14.18
C PHE A 105 16.69 -4.40 14.73
N THR A 106 15.72 -4.45 15.64
CA THR A 106 15.19 -3.25 16.29
C THR A 106 16.29 -2.57 17.13
N ASP A 107 17.06 -3.38 17.84
CA ASP A 107 18.20 -2.89 18.61
C ASP A 107 19.28 -2.28 17.70
N ALA A 108 19.60 -2.96 16.60
CA ALA A 108 20.53 -2.42 15.60
C ALA A 108 20.04 -1.08 15.04
N MET A 109 18.77 -1.03 14.63
CA MET A 109 18.17 0.21 14.11
C MET A 109 18.23 1.36 15.10
N PHE A 110 18.07 1.06 16.39
CA PHE A 110 18.12 2.08 17.43
C PHE A 110 19.53 2.70 17.56
N ASP A 111 20.55 1.84 17.66
CA ASP A 111 21.94 2.29 17.74
C ASP A 111 22.40 3.06 16.47
N LEU A 112 21.97 2.60 15.31
CA LEU A 112 22.32 3.25 14.04
C LEU A 112 21.64 4.61 13.88
N SER A 113 20.44 4.76 14.44
CA SER A 113 19.71 6.02 14.42
C SER A 113 20.38 7.06 15.32
N VAL A 114 20.82 6.63 16.50
CA VAL A 114 21.57 7.48 17.42
C VAL A 114 22.88 7.93 16.76
N LEU A 115 23.55 6.98 16.10
CA LEU A 115 24.78 7.24 15.35
C LEU A 115 24.57 8.26 14.23
N SER A 116 23.45 8.15 13.53
CA SER A 116 23.09 9.07 12.46
C SER A 116 22.85 10.50 12.94
N LEU A 117 22.59 10.65 14.24
CA LEU A 117 22.35 11.95 14.87
C LEU A 117 23.65 12.66 15.27
N ASN A 118 24.69 11.90 15.57
CA ASN A 118 25.99 12.44 15.98
C ASN A 118 26.64 13.33 14.91
N ILE A 126 25.98 4.11 7.07
CA ILE A 126 24.97 4.04 8.15
C ILE A 126 23.57 3.87 7.56
N GLU A 127 23.20 4.73 6.61
CA GLU A 127 21.89 4.70 5.95
C GLU A 127 21.52 3.36 5.29
N PRO A 128 22.48 2.71 4.57
CA PRO A 128 22.16 1.38 4.03
C PRO A 128 22.16 0.26 5.07
N MET A 129 22.84 0.47 6.20
CA MET A 129 22.82 -0.49 7.31
C MET A 129 21.48 -0.43 8.02
N LEU A 130 20.97 0.79 8.17
CA LEU A 130 19.68 1.06 8.80
C LEU A 130 18.53 0.50 7.95
N GLU A 131 18.60 0.73 6.65
CA GLU A 131 17.61 0.22 5.69
C GLU A 131 17.61 -1.30 5.66
N ARG A 132 18.82 -1.89 5.63
CA ARG A 132 18.98 -3.35 5.67
C ARG A 132 18.32 -3.96 6.91
N ASN A 133 18.56 -3.35 8.07
CA ASN A 133 17.95 -3.80 9.32
C ASN A 133 16.44 -3.58 9.36
N LEU A 134 15.98 -2.50 8.74
CA LEU A 134 14.54 -2.23 8.63
C LEU A 134 13.86 -3.30 7.78
N ASN A 135 14.50 -3.66 6.67
CA ASN A 135 13.97 -4.66 5.73
C ASN A 135 13.99 -6.07 6.31
N LYS A 136 15.01 -6.36 7.13
CA LYS A 136 15.07 -7.62 7.87
C LYS A 136 13.97 -7.71 8.91
N GLN A 137 13.71 -6.58 9.58
CA GLN A 137 12.67 -6.50 10.60
C GLN A 137 11.27 -6.60 9.99
N ALA A 138 11.02 -5.82 8.94
CA ALA A 138 9.71 -5.81 8.26
C ALA A 138 9.36 -7.17 7.66
N MET A 139 10.35 -7.83 7.08
CA MET A 139 10.21 -9.17 6.52
C MET A 139 9.88 -10.19 7.61
N LYS A 140 10.55 -10.04 8.76
CA LYS A 140 10.31 -10.90 9.92
C LYS A 140 8.89 -10.76 10.48
N VAL A 141 8.46 -9.52 10.68
CA VAL A 141 7.13 -9.22 11.25
C VAL A 141 5.99 -9.66 10.32
N LEU A 142 6.19 -9.47 9.01
CA LEU A 142 5.18 -9.87 8.02
C LEU A 142 4.97 -11.39 7.99
N ASN A 143 6.06 -12.15 8.07
CA ASN A 143 5.99 -13.61 8.11
C ASN A 143 5.31 -14.13 9.38
N GLU A 144 5.65 -13.54 10.52
CA GLU A 144 5.00 -13.87 11.79
C GLU A 144 3.49 -13.57 11.74
N ASN A 145 3.13 -12.43 11.14
CA ASN A 145 1.74 -12.03 10.98
C ASN A 145 0.95 -12.92 10.02
N LEU A 146 1.62 -13.44 9.00
CA LEU A 146 0.99 -14.28 7.98
C LEU A 146 0.69 -15.71 8.46
N SER A 147 1.51 -16.22 9.38
CA SER A 147 1.28 -17.53 9.96
C SER A 147 0.64 -17.41 11.34
N GLN A 155 -11.27 -13.26 3.25
CA GLN A 155 -12.56 -13.00 3.88
C GLN A 155 -12.99 -11.52 3.81
N VAL A 156 -12.01 -10.62 3.80
CA VAL A 156 -12.27 -9.17 3.88
C VAL A 156 -12.32 -8.49 2.50
N LEU A 157 -13.42 -7.79 2.26
CA LEU A 157 -13.65 -7.04 1.03
C LEU A 157 -12.77 -5.80 0.89
N PRO A 158 -12.40 -5.44 -0.34
CA PRO A 158 -11.75 -4.15 -0.56
C PRO A 158 -12.68 -2.98 -0.22
N SER A 159 -12.18 -1.76 -0.32
CA SER A 159 -12.98 -0.57 -0.02
C SER A 159 -14.23 -0.51 -0.90
N ASN A 160 -15.29 0.09 -0.36
CA ASN A 160 -16.52 0.35 -1.12
C ASN A 160 -16.26 1.24 -2.34
N THR A 161 -15.31 2.18 -2.20
CA THR A 161 -14.85 3.02 -3.31
C THR A 161 -14.29 2.18 -4.46
N SER A 162 -13.40 1.23 -4.13
CA SER A 162 -12.81 0.33 -5.11
C SER A 162 -13.83 -0.56 -5.78
N LEU A 163 -14.78 -1.04 -4.99
CA LEU A 163 -15.83 -1.90 -5.51
C LEU A 163 -16.74 -1.17 -6.51
N ALA A 164 -17.16 0.05 -6.16
CA ALA A 164 -17.97 0.89 -7.03
C ALA A 164 -17.25 1.20 -8.34
N SER A 165 -15.94 1.42 -8.23
CA SER A 165 -15.10 1.63 -9.40
C SER A 165 -15.04 0.37 -10.25
N PHE A 166 -14.75 -0.77 -9.64
CA PHE A 166 -14.67 -2.01 -10.40
C PHE A 166 -15.96 -2.33 -11.17
N PHE A 167 -17.11 -2.17 -10.52
CA PHE A 167 -18.37 -2.52 -11.15
C PHE A 167 -19.00 -1.41 -12.01
N GLY A 168 -18.32 -0.26 -12.07
CA GLY A 168 -18.84 0.92 -12.78
C GLY A 168 -19.13 0.74 -14.26
N ILE A 169 -18.36 -0.11 -14.93
CA ILE A 169 -18.48 -0.32 -16.38
C ILE A 169 -19.70 -1.18 -16.76
N PHE A 170 -20.20 -1.96 -15.81
CA PHE A 170 -21.29 -2.90 -16.09
C PHE A 170 -22.67 -2.25 -16.18
N ASP A 171 -23.50 -2.86 -17.02
CA ASP A 171 -24.88 -2.46 -17.24
C ASP A 171 -25.69 -3.14 -16.14
N SER A 172 -26.08 -2.35 -15.13
CA SER A 172 -26.66 -2.90 -13.91
C SER A 172 -28.01 -3.58 -14.12
N HIS A 173 -28.86 -2.98 -14.95
CA HIS A 173 -30.15 -3.60 -15.30
C HIS A 173 -29.97 -4.94 -16.03
N LEU A 174 -29.05 -4.99 -17.00
CA LEU A 174 -28.78 -6.22 -17.76
C LEU A 174 -28.32 -7.36 -16.85
N GLU A 175 -27.41 -7.03 -15.93
CA GLU A 175 -26.83 -8.02 -15.01
C GLU A 175 -27.84 -8.64 -14.06
N VAL A 176 -28.65 -7.78 -13.42
CA VAL A 176 -29.74 -8.22 -12.55
C VAL A 176 -30.75 -9.09 -13.34
N SER A 177 -31.08 -8.65 -14.54
CA SER A 177 -32.07 -9.33 -15.38
C SER A 177 -31.57 -10.62 -16.03
N SER A 178 -30.27 -10.90 -15.89
CA SER A 178 -29.66 -12.06 -16.54
C SER A 178 -29.97 -13.37 -15.83
N VAL A 179 -30.60 -13.29 -14.65
CA VAL A 179 -31.06 -14.47 -13.91
C VAL A 179 -32.24 -15.11 -14.64
N ASN A 180 -32.11 -16.39 -14.95
CA ASN A 180 -33.17 -17.14 -15.61
C ASN A 180 -34.23 -17.60 -14.60
N THR A 181 -35.49 -17.28 -14.86
CA THR A 181 -36.58 -17.63 -13.95
C THR A 181 -37.44 -18.80 -14.46
N SER A 182 -37.06 -19.33 -15.62
CA SER A 182 -37.85 -20.36 -16.31
C SER A 182 -37.49 -21.80 -15.93
N SER A 183 -36.67 -21.97 -14.91
CA SER A 183 -36.24 -23.31 -14.48
C SER A 183 -37.32 -24.01 -13.68
N ASN A 184 -37.34 -25.34 -13.78
CA ASN A 184 -38.26 -26.18 -13.02
C ASN A 184 -37.63 -26.77 -11.76
N TYR A 185 -36.32 -26.57 -11.58
CA TYR A 185 -35.59 -27.21 -10.47
C TYR A 185 -34.74 -26.24 -9.63
N ASP A 186 -34.44 -25.06 -10.18
CA ASP A 186 -33.60 -24.08 -9.50
C ASP A 186 -34.33 -23.44 -8.33
N THR A 187 -33.88 -23.77 -7.12
CA THR A 187 -34.46 -23.20 -5.91
C THR A 187 -33.62 -22.03 -5.37
N ALA A 188 -32.53 -21.70 -6.08
CA ALA A 188 -31.57 -20.70 -5.61
C ALA A 188 -31.58 -19.40 -6.43
N TYR A 189 -32.42 -19.34 -7.47
CA TYR A 189 -32.45 -18.22 -8.42
C TYR A 189 -32.83 -16.90 -7.76
N ALA A 190 -33.79 -16.96 -6.83
CA ALA A 190 -34.32 -15.77 -6.17
C ALA A 190 -33.30 -15.15 -5.22
N LEU A 191 -32.50 -16.01 -4.59
CA LEU A 191 -31.40 -15.56 -3.75
C LEU A 191 -30.31 -14.91 -4.59
N LEU A 192 -30.03 -15.50 -5.75
CA LEU A 192 -29.07 -14.97 -6.71
C LEU A 192 -29.53 -13.63 -7.26
N SER A 193 -30.83 -13.53 -7.59
CA SER A 193 -31.40 -12.26 -8.03
C SER A 193 -31.15 -11.17 -6.99
N ASP A 194 -31.47 -11.46 -5.73
CA ASP A 194 -31.22 -10.57 -4.60
C ASP A 194 -29.75 -10.17 -4.46
N ALA A 195 -28.85 -11.15 -4.62
CA ALA A 195 -27.41 -10.89 -4.51
C ALA A 195 -26.97 -9.88 -5.57
N LEU A 196 -27.51 -10.01 -6.77
CA LEU A 196 -27.16 -9.13 -7.89
C LEU A 196 -27.77 -7.73 -7.75
N GLN A 197 -29.03 -7.66 -7.29
CA GLN A 197 -29.68 -6.38 -6.99
C GLN A 197 -28.90 -5.60 -5.93
N ARG A 198 -28.49 -6.29 -4.87
CA ARG A 198 -27.74 -5.68 -3.78
C ARG A 198 -26.36 -5.25 -4.25
N LEU A 199 -25.70 -6.08 -5.06
CA LEU A 199 -24.40 -5.72 -5.64
C LEU A 199 -24.51 -4.43 -6.45
N TYR A 200 -25.48 -4.40 -7.36
CA TYR A 200 -25.60 -3.28 -8.28
C TYR A 200 -26.31 -2.03 -7.71
N SER A 201 -26.71 -2.09 -6.43
CA SER A 201 -27.20 -0.91 -5.72
C SER A 201 -26.06 0.07 -5.42
N ALA A 202 -24.83 -0.42 -5.49
CA ALA A 202 -23.62 0.37 -5.25
C ALA A 202 -23.69 1.15 -3.94
N THR A 203 -23.89 0.41 -2.86
CA THR A 203 -23.99 0.97 -1.50
C THR A 203 -23.06 0.19 -0.57
N ASP A 204 -22.66 0.83 0.54
CA ASP A 204 -21.82 0.21 1.57
C ASP A 204 -22.38 -1.16 1.98
N GLU A 205 -23.66 -1.16 2.37
CA GLU A 205 -24.34 -2.35 2.85
C GLU A 205 -24.53 -3.35 1.72
N GLY A 206 -24.82 -2.84 0.52
CA GLY A 206 -25.06 -3.64 -0.66
C GLY A 206 -23.90 -4.57 -1.00
N TYR A 207 -22.67 -4.08 -0.89
CA TYR A 207 -21.48 -4.89 -1.17
C TYR A 207 -21.29 -6.02 -0.14
N LEU A 208 -21.49 -5.71 1.13
CA LEU A 208 -21.44 -6.71 2.21
C LEU A 208 -22.52 -7.78 2.07
N VAL A 209 -23.75 -7.35 1.76
CA VAL A 209 -24.86 -8.28 1.52
C VAL A 209 -24.63 -9.13 0.26
N ALA A 210 -24.20 -8.50 -0.83
CA ALA A 210 -23.91 -9.22 -2.08
C ALA A 210 -22.85 -10.31 -1.87
N ASN A 211 -21.74 -9.96 -1.22
CA ASN A 211 -20.68 -10.91 -0.92
C ASN A 211 -21.21 -12.12 -0.15
N ASP A 212 -22.08 -11.84 0.82
CA ASP A 212 -22.69 -12.82 1.69
C ASP A 212 -23.63 -13.74 0.91
N LEU A 213 -24.58 -13.14 0.19
CA LEU A 213 -25.58 -13.90 -0.57
C LEU A 213 -24.98 -14.65 -1.76
N LEU A 214 -23.91 -14.13 -2.34
CA LEU A 214 -23.21 -14.80 -3.45
C LEU A 214 -22.53 -16.09 -3.00
N THR A 215 -21.87 -16.05 -1.85
CA THR A 215 -21.26 -17.25 -1.26
C THR A 215 -22.33 -18.30 -0.98
N LYS A 216 -23.45 -17.87 -0.40
CA LYS A 216 -24.60 -18.72 -0.15
C LYS A 216 -25.15 -19.37 -1.42
N SER A 217 -25.31 -18.57 -2.47
CA SER A 217 -25.83 -19.05 -3.76
C SER A 217 -24.94 -20.12 -4.36
N THR A 218 -23.63 -19.88 -4.33
CA THR A 218 -22.63 -20.83 -4.82
C THR A 218 -22.69 -22.19 -4.11
N ASP A 219 -22.82 -22.15 -2.78
CA ASP A 219 -23.02 -23.37 -1.98
C ASP A 219 -24.30 -24.09 -2.39
N MET A 220 -25.36 -23.30 -2.60
CA MET A 220 -26.66 -23.85 -2.98
C MET A 220 -26.67 -24.43 -4.40
N TYR A 221 -25.90 -23.83 -5.29
CA TYR A 221 -25.78 -24.32 -6.67
C TYR A 221 -24.87 -25.54 -6.77
N HIS A 222 -23.87 -25.64 -5.89
CA HIS A 222 -23.04 -26.84 -5.78
C HIS A 222 -23.90 -28.03 -5.35
N SER A 223 -24.84 -27.78 -4.44
CA SER A 223 -25.77 -28.80 -3.97
C SER A 223 -26.76 -29.20 -5.07
N LEU A 224 -27.28 -28.21 -5.80
CA LEU A 224 -28.09 -28.45 -6.98
C LEU A 224 -27.19 -28.86 -8.15
N PRO A 233 -31.68 -23.72 -17.70
CA PRO A 233 -31.71 -22.47 -16.94
C PRO A 233 -30.93 -22.56 -15.63
N LEU A 234 -30.99 -23.70 -14.95
CA LEU A 234 -30.27 -23.92 -13.70
C LEU A 234 -28.76 -23.85 -13.91
N ARG A 235 -28.27 -24.55 -14.94
CA ARG A 235 -26.84 -24.54 -15.29
C ARG A 235 -26.36 -23.11 -15.60
N GLU A 236 -27.22 -22.35 -16.27
CA GLU A 236 -26.92 -20.97 -16.62
C GLU A 236 -26.87 -20.09 -15.38
N ASN A 237 -27.82 -20.30 -14.47
CA ASN A 237 -27.84 -19.58 -13.19
C ASN A 237 -26.67 -19.97 -12.30
N ALA A 238 -26.30 -21.25 -12.32
CA ALA A 238 -25.17 -21.75 -11.55
C ALA A 238 -23.88 -21.08 -12.01
N ALA A 239 -23.65 -21.07 -13.32
CA ALA A 239 -22.51 -20.38 -13.92
C ALA A 239 -22.48 -18.89 -13.56
N LEU A 240 -23.64 -18.24 -13.54
CA LEU A 240 -23.77 -16.83 -13.16
C LEU A 240 -23.36 -16.58 -11.72
N ALA A 241 -23.90 -17.40 -10.80
CA ALA A 241 -23.56 -17.34 -9.38
C ALA A 241 -22.05 -17.54 -9.14
N LEU A 242 -21.49 -18.55 -9.80
CA LEU A 242 -20.06 -18.89 -9.69
C LEU A 242 -19.16 -17.80 -10.28
N CYS A 243 -19.63 -17.20 -11.37
CA CYS A 243 -18.94 -16.09 -12.03
C CYS A 243 -18.76 -14.89 -11.10
N TYR A 244 -19.84 -14.45 -10.48
CA TYR A 244 -19.79 -13.33 -9.55
C TYR A 244 -19.14 -13.67 -8.19
N THR A 245 -19.36 -14.89 -7.69
CA THR A 245 -18.65 -15.34 -6.49
C THR A 245 -17.15 -15.42 -6.78
N GLY A 246 -16.80 -15.85 -7.99
CA GLY A 246 -15.42 -15.89 -8.47
C GLY A 246 -14.76 -14.52 -8.47
N ILE A 247 -15.42 -13.53 -9.07
CA ILE A 247 -14.86 -12.17 -9.11
C ILE A 247 -14.71 -11.55 -7.71
N PHE A 248 -15.64 -11.88 -6.81
CA PHE A 248 -15.51 -11.45 -5.43
C PHE A 248 -14.28 -12.04 -4.74
N HIS A 249 -13.98 -13.31 -5.02
CA HIS A 249 -12.73 -13.93 -4.56
C HIS A 249 -11.51 -13.19 -5.08
N PHE A 250 -11.54 -12.85 -6.38
CA PHE A 250 -10.48 -12.04 -6.99
C PHE A 250 -10.32 -10.72 -6.24
N LEU A 251 -11.43 -10.05 -5.96
CA LEU A 251 -11.42 -8.77 -5.26
C LEU A 251 -10.98 -8.89 -3.79
N LYS A 252 -11.31 -10.01 -3.15
CA LYS A 252 -10.87 -10.28 -1.79
C LYS A 252 -9.41 -10.78 -1.73
N ASN A 253 -8.82 -10.97 -2.91
CA ASN A 253 -7.42 -11.40 -3.07
C ASN A 253 -7.21 -12.92 -2.97
N ASN A 254 -8.30 -13.67 -3.08
CA ASN A 254 -8.24 -15.14 -3.14
C ASN A 254 -8.15 -15.58 -4.60
N LEU A 255 -6.96 -15.41 -5.18
CA LEU A 255 -6.73 -15.61 -6.61
C LEU A 255 -6.95 -17.04 -7.10
N LEU A 256 -6.57 -18.00 -6.25
CA LEU A 256 -6.75 -19.42 -6.56
C LEU A 256 -8.22 -19.82 -6.49
N ASP A 257 -8.92 -19.36 -5.45
CA ASP A 257 -10.35 -19.60 -5.31
C ASP A 257 -11.15 -18.93 -6.43
N ALA A 258 -10.68 -17.77 -6.89
CA ALA A 258 -11.28 -17.06 -8.01
C ALA A 258 -11.23 -17.90 -9.29
N GLN A 259 -10.04 -18.41 -9.63
CA GLN A 259 -9.84 -19.18 -10.86
C GLN A 259 -10.64 -20.49 -10.86
N VAL A 260 -10.75 -21.12 -9.70
CA VAL A 260 -11.47 -22.39 -9.56
C VAL A 260 -12.97 -22.24 -9.88
N LEU A 261 -13.62 -21.25 -9.27
CA LEU A 261 -15.04 -21.00 -9.50
C LEU A 261 -15.32 -20.45 -10.90
N LEU A 262 -14.37 -19.67 -11.44
CA LEU A 262 -14.50 -19.10 -12.77
C LEU A 262 -14.37 -20.15 -13.88
N GLN A 263 -13.37 -21.01 -13.77
CA GLN A 263 -13.21 -22.11 -14.72
C GLN A 263 -14.41 -23.05 -14.64
N GLU A 264 -14.91 -23.28 -13.42
CA GLU A 264 -16.15 -24.04 -13.21
C GLU A 264 -17.33 -23.39 -13.92
N SER A 265 -17.43 -22.06 -13.81
CA SER A 265 -18.47 -21.27 -14.47
C SER A 265 -18.41 -21.41 -15.99
N ILE A 266 -17.21 -21.27 -16.55
CA ILE A 266 -16.99 -21.46 -18.00
C ILE A 266 -17.39 -22.87 -18.43
N ASN A 267 -17.03 -23.87 -17.63
CA ASN A 267 -17.38 -25.26 -17.91
C ASN A 267 -18.89 -25.52 -17.95
N LEU A 268 -19.64 -24.77 -17.16
CA LEU A 268 -21.09 -24.92 -17.08
C LEU A 268 -21.83 -24.18 -18.18
N HIS A 269 -21.48 -22.92 -18.38
CA HIS A 269 -22.12 -22.06 -19.38
C HIS A 269 -21.24 -20.82 -19.62
N PRO A 270 -20.36 -20.87 -20.64
CA PRO A 270 -19.41 -19.79 -20.89
C PRO A 270 -20.07 -18.48 -21.28
N THR A 271 -19.67 -17.40 -20.60
CA THR A 271 -20.19 -16.04 -20.87
C THR A 271 -19.02 -15.07 -21.02
N PRO A 272 -19.24 -13.93 -21.70
CA PRO A 272 -18.23 -12.86 -21.72
C PRO A 272 -17.69 -12.51 -20.31
N ASN A 273 -18.59 -12.29 -19.36
CA ASN A 273 -18.22 -11.96 -17.97
C ASN A 273 -17.19 -12.92 -17.38
N SER A 274 -17.40 -14.22 -17.55
CA SER A 274 -16.54 -15.25 -16.95
C SER A 274 -15.14 -15.24 -17.56
N TYR A 275 -15.06 -15.02 -18.87
CA TYR A 275 -13.79 -14.88 -19.55
C TYR A 275 -13.05 -13.59 -19.19
N ILE A 276 -13.79 -12.48 -19.09
CA ILE A 276 -13.25 -11.21 -18.62
C ILE A 276 -12.69 -11.39 -17.20
N PHE A 277 -13.50 -11.99 -16.33
CA PHE A 277 -13.13 -12.15 -14.91
C PHE A 277 -11.93 -13.07 -14.72
N LEU A 278 -11.89 -14.19 -15.46
CA LEU A 278 -10.74 -15.10 -15.43
C LEU A 278 -9.46 -14.44 -15.97
N ALA A 279 -9.60 -13.67 -17.05
CA ALA A 279 -8.48 -12.92 -17.62
C ALA A 279 -7.90 -11.87 -16.67
N LEU A 280 -8.77 -11.24 -15.88
CA LEU A 280 -8.35 -10.28 -14.87
C LEU A 280 -7.62 -10.97 -13.71
N THR A 281 -8.11 -12.15 -13.34
CA THR A 281 -7.54 -12.98 -12.27
C THR A 281 -6.12 -13.45 -12.64
N LEU A 282 -5.85 -13.60 -13.93
CA LEU A 282 -4.60 -14.18 -14.41
C LEU A 282 -3.67 -13.20 -15.13
N ALA A 283 -4.00 -11.91 -15.11
CA ALA A 283 -3.24 -10.88 -15.86
C ALA A 283 -1.72 -11.11 -15.85
N SER A 288 1.06 -10.95 -21.95
CA SER A 288 -0.19 -10.39 -22.45
C SER A 288 -0.98 -11.42 -23.26
N GLN A 289 -0.26 -12.37 -23.84
CA GLN A 289 -0.81 -13.31 -24.83
C GLN A 289 -2.04 -14.11 -24.37
N GLU A 290 -1.99 -14.61 -23.13
CA GLU A 290 -3.11 -15.35 -22.55
C GLU A 290 -4.31 -14.44 -22.26
N PHE A 291 -4.02 -13.25 -21.74
CA PHE A 291 -5.04 -12.24 -21.47
C PHE A 291 -5.87 -11.94 -22.72
N PHE A 292 -5.21 -11.73 -23.85
CA PHE A 292 -5.88 -11.38 -25.11
C PHE A 292 -6.59 -12.58 -25.74
N LYS A 293 -6.09 -13.78 -25.44
CA LYS A 293 -6.74 -15.03 -25.85
C LYS A 293 -8.12 -15.15 -25.19
N PHE A 294 -8.19 -14.90 -23.87
CA PHE A 294 -9.46 -14.94 -23.14
C PHE A 294 -10.46 -13.90 -23.64
N PHE A 295 -9.97 -12.71 -23.98
CA PHE A 295 -10.83 -11.64 -24.47
C PHE A 295 -11.41 -11.90 -25.86
N GLN A 296 -10.66 -12.62 -26.70
CA GLN A 296 -11.17 -13.02 -28.00
C GLN A 296 -12.29 -14.06 -27.83
N LYS A 297 -12.12 -14.95 -26.86
CA LYS A 297 -13.19 -15.88 -26.47
C LYS A 297 -14.41 -15.12 -25.96
N ALA A 298 -14.18 -14.05 -25.18
CA ALA A 298 -15.27 -13.19 -24.73
C ALA A 298 -15.95 -12.51 -25.93
N VAL A 299 -15.14 -11.97 -26.85
CA VAL A 299 -15.64 -11.35 -28.09
C VAL A 299 -16.48 -12.33 -28.92
N ASP A 300 -15.95 -13.55 -29.11
CA ASP A 300 -16.64 -14.59 -29.87
C ASP A 300 -18.07 -14.85 -29.37
N LEU A 301 -18.23 -14.88 -28.04
CA LEU A 301 -19.52 -15.17 -27.42
C LEU A 301 -20.57 -14.07 -27.56
N ASN A 302 -20.13 -12.82 -27.61
CA ASN A 302 -21.01 -11.66 -27.82
C ASN A 302 -20.17 -10.46 -28.26
N PRO A 303 -20.05 -10.25 -29.58
CA PRO A 303 -19.25 -9.14 -30.11
C PRO A 303 -19.79 -7.76 -29.70
N GLU A 304 -21.01 -7.70 -29.17
CA GLU A 304 -21.62 -6.43 -28.78
C GLU A 304 -21.64 -6.16 -27.27
N TYR A 305 -20.82 -6.89 -26.51
CA TYR A 305 -20.78 -6.70 -25.06
C TYR A 305 -19.77 -5.61 -24.69
N PRO A 306 -20.25 -4.44 -24.23
CA PRO A 306 -19.37 -3.28 -24.00
C PRO A 306 -18.18 -3.47 -23.05
N PRO A 307 -18.38 -4.07 -21.85
CA PRO A 307 -17.25 -4.25 -20.91
C PRO A 307 -16.07 -5.07 -21.47
N THR A 308 -16.34 -5.96 -22.42
CA THR A 308 -15.27 -6.73 -23.08
C THR A 308 -14.22 -5.80 -23.71
N TYR A 309 -14.69 -4.78 -24.44
CA TYR A 309 -13.79 -3.84 -25.11
C TYR A 309 -13.22 -2.80 -24.14
N TYR A 310 -14.00 -2.47 -23.12
CA TYR A 310 -13.52 -1.55 -22.10
C TYR A 310 -12.30 -2.10 -21.35
N HIS A 311 -12.43 -3.32 -20.83
CA HIS A 311 -11.35 -3.95 -20.08
C HIS A 311 -10.13 -4.27 -20.94
N ARG A 312 -10.34 -4.64 -22.20
CA ARG A 312 -9.23 -4.89 -23.13
C ARG A 312 -8.52 -3.59 -23.48
N GLY A 313 -9.29 -2.52 -23.65
CA GLY A 313 -8.75 -1.18 -23.89
C GLY A 313 -7.88 -0.72 -22.74
N GLN A 314 -8.28 -1.06 -21.52
CA GLN A 314 -7.48 -0.78 -20.32
C GLN A 314 -6.10 -1.47 -20.36
N MET A 315 -6.05 -2.70 -20.85
CA MET A 315 -4.78 -3.42 -20.98
C MET A 315 -3.91 -2.79 -22.05
N TYR A 316 -4.48 -2.52 -23.23
CA TYR A 316 -3.78 -1.78 -24.28
C TYR A 316 -3.23 -0.45 -23.76
N PHE A 317 -4.04 0.27 -22.98
CA PHE A 317 -3.66 1.54 -22.36
C PHE A 317 -2.42 1.36 -21.48
N ILE A 318 -2.47 0.36 -20.59
CA ILE A 318 -1.35 0.03 -19.71
C ILE A 318 -0.10 -0.37 -20.49
N LEU A 319 -0.31 -1.10 -21.60
CA LEU A 319 0.79 -1.54 -22.47
C LEU A 319 1.29 -0.47 -23.44
N GLN A 320 0.81 0.76 -23.29
CA GLN A 320 1.21 1.90 -24.14
C GLN A 320 0.80 1.77 -25.62
N ASP A 321 -0.15 0.88 -25.90
CA ASP A 321 -0.70 0.73 -27.26
C ASP A 321 -1.91 1.64 -27.39
N TYR A 322 -1.64 2.92 -27.62
CA TYR A 322 -2.65 3.97 -27.60
C TYR A 322 -3.67 3.88 -28.73
N LYS A 323 -3.24 3.34 -29.86
CA LYS A 323 -4.09 3.14 -31.03
C LYS A 323 -5.19 2.13 -30.71
N ASN A 324 -4.79 0.93 -30.29
CA ASN A 324 -5.75 -0.13 -29.99
C ASN A 324 -6.59 0.14 -28.75
N ALA A 325 -6.03 0.89 -27.81
CA ALA A 325 -6.77 1.32 -26.62
C ALA A 325 -7.91 2.24 -27.02
N LYS A 326 -7.60 3.22 -27.84
CA LYS A 326 -8.57 4.19 -28.35
C LYS A 326 -9.71 3.50 -29.07
N GLU A 327 -9.37 2.59 -29.98
CA GLU A 327 -10.34 1.85 -30.79
C GLU A 327 -11.28 0.99 -29.94
N ASP A 328 -10.76 0.39 -28.88
CA ASP A 328 -11.55 -0.43 -27.95
C ASP A 328 -12.47 0.43 -27.07
N PHE A 329 -11.95 1.54 -26.56
CA PHE A 329 -12.78 2.47 -25.79
C PHE A 329 -13.90 3.06 -26.63
N GLN A 330 -13.62 3.30 -27.91
CA GLN A 330 -14.63 3.80 -28.84
C GLN A 330 -15.69 2.74 -29.11
N LYS A 331 -15.27 1.48 -29.17
CA LYS A 331 -16.20 0.35 -29.28
C LYS A 331 -17.08 0.21 -28.05
N ALA A 332 -16.47 0.34 -26.87
CA ALA A 332 -17.23 0.37 -25.61
C ALA A 332 -18.25 1.51 -25.56
N GLN A 333 -17.86 2.70 -26.04
CA GLN A 333 -18.74 3.86 -26.03
C GLN A 333 -19.96 3.68 -26.94
N SER A 334 -19.74 3.13 -28.14
CA SER A 334 -20.81 2.93 -29.11
C SER A 334 -21.82 1.91 -28.62
N LEU A 335 -21.33 0.90 -27.92
CA LEU A 335 -22.18 -0.19 -27.41
C LEU A 335 -22.91 0.20 -26.12
N ASN A 336 -22.34 1.14 -25.39
CA ASN A 336 -22.99 1.68 -24.19
C ASN A 336 -22.70 3.17 -24.02
N PRO A 337 -23.37 4.02 -24.83
CA PRO A 337 -23.13 5.47 -24.80
C PRO A 337 -23.58 6.16 -23.53
N GLU A 338 -24.36 5.47 -22.71
CA GLU A 338 -24.83 6.02 -21.43
C GLU A 338 -23.81 5.83 -20.29
N ASN A 339 -22.79 5.02 -20.50
CA ASN A 339 -21.77 4.82 -19.48
C ASN A 339 -20.65 5.87 -19.60
N VAL A 340 -20.35 6.53 -18.48
CA VAL A 340 -19.37 7.61 -18.45
C VAL A 340 -17.91 7.16 -18.66
N TYR A 341 -17.60 5.92 -18.30
CA TYR A 341 -16.21 5.49 -18.24
C TYR A 341 -15.45 5.43 -19.58
N PRO A 342 -16.07 4.93 -20.67
CA PRO A 342 -15.38 4.99 -21.97
C PRO A 342 -14.94 6.42 -22.37
N TYR A 343 -15.83 7.40 -22.18
CA TYR A 343 -15.52 8.80 -22.42
C TYR A 343 -14.30 9.25 -21.59
N ILE A 344 -14.32 8.93 -20.30
CA ILE A 344 -13.23 9.25 -19.36
C ILE A 344 -11.87 8.74 -19.88
N GLN A 345 -11.85 7.48 -20.32
CA GLN A 345 -10.61 6.84 -20.73
C GLN A 345 -10.06 7.42 -22.04
N LEU A 346 -10.95 7.79 -22.95
CA LEU A 346 -10.57 8.48 -24.19
C LEU A 346 -9.93 9.83 -23.89
N ALA A 347 -10.48 10.55 -22.92
CA ALA A 347 -9.90 11.82 -22.46
C ALA A 347 -8.52 11.62 -21.81
N CYS A 348 -8.41 10.58 -20.99
CA CYS A 348 -7.15 10.26 -20.30
C CYS A 348 -6.07 9.85 -21.30
N LEU A 349 -6.48 9.18 -22.37
CA LEU A 349 -5.57 8.76 -23.44
C LEU A 349 -4.94 9.95 -24.17
N LEU A 350 -5.76 10.99 -24.40
CA LEU A 350 -5.29 12.21 -25.02
C LEU A 350 -4.21 12.88 -24.18
N TYR A 351 -4.36 12.82 -22.86
CA TYR A 351 -3.38 13.41 -21.95
C TYR A 351 -2.06 12.64 -21.89
N LYS A 352 -2.15 11.31 -21.85
CA LYS A 352 -0.97 10.44 -21.78
C LYS A 352 -0.16 10.49 -23.08
N GLN A 353 -0.80 10.91 -24.17
CA GLN A 353 -0.14 11.12 -25.45
C GLN A 353 0.42 12.54 -25.59
N GLY A 354 0.22 13.38 -24.58
CA GLY A 354 0.74 14.75 -24.58
C GLY A 354 -0.15 15.74 -25.31
N LYS A 355 -1.46 15.54 -25.23
CA LYS A 355 -2.42 16.45 -25.83
C LYS A 355 -3.37 16.95 -24.74
N PHE A 356 -2.86 17.79 -23.84
CA PHE A 356 -3.65 18.27 -22.71
C PHE A 356 -4.83 19.14 -23.13
N THR A 357 -4.60 20.04 -24.08
CA THR A 357 -5.65 20.91 -24.60
C THR A 357 -6.83 20.09 -25.13
N GLU A 358 -6.52 19.06 -25.91
CA GLU A 358 -7.54 18.16 -26.45
C GLU A 358 -8.21 17.32 -25.36
N SER A 359 -7.42 16.90 -24.37
CA SER A 359 -7.94 16.15 -23.21
C SER A 359 -8.92 17.00 -22.40
N GLU A 360 -8.49 18.22 -22.08
CA GLU A 360 -9.30 19.16 -21.30
C GLU A 360 -10.63 19.41 -22.01
N ALA A 361 -10.56 19.65 -23.32
CA ALA A 361 -11.73 19.84 -24.17
C ALA A 361 -12.64 18.60 -24.21
N PHE A 362 -12.04 17.42 -24.23
CA PHE A 362 -12.79 16.16 -24.19
C PHE A 362 -13.49 16.00 -22.84
N PHE A 363 -12.78 16.30 -21.75
CA PHE A 363 -13.37 16.35 -20.42
C PHE A 363 -14.54 17.34 -20.33
N ASN A 364 -14.36 18.53 -20.88
CA ASN A 364 -15.42 19.54 -20.98
C ASN A 364 -16.63 19.05 -21.78
N GLU A 365 -16.39 18.43 -22.93
CA GLU A 365 -17.46 17.83 -23.73
C GLU A 365 -18.17 16.71 -22.94
N THR A 366 -17.40 15.94 -22.18
CA THR A 366 -17.96 14.87 -21.35
C THR A 366 -18.82 15.45 -20.21
N LYS A 367 -18.36 16.57 -19.63
CA LYS A 367 -19.12 17.32 -18.63
C LYS A 367 -20.53 17.71 -19.11
N LEU A 368 -20.62 18.18 -20.36
CA LEU A 368 -21.89 18.57 -20.95
C LEU A 368 -22.88 17.42 -21.14
N LYS A 369 -22.35 16.21 -21.32
CA LYS A 369 -23.18 15.03 -21.49
C LYS A 369 -23.54 14.41 -20.14
N PHE A 370 -22.61 14.51 -19.18
CA PHE A 370 -22.79 13.94 -17.83
C PHE A 370 -22.56 15.01 -16.75
N PRO A 371 -23.47 15.98 -16.63
CA PRO A 371 -23.24 17.12 -15.73
C PRO A 371 -23.30 16.83 -14.22
N THR A 372 -23.85 15.68 -13.83
CA THR A 372 -24.06 15.38 -12.41
C THR A 372 -23.18 14.23 -11.91
N LEU A 373 -22.32 13.72 -12.79
CA LEU A 373 -21.49 12.56 -12.46
C LEU A 373 -20.12 12.97 -11.93
N PRO A 374 -19.80 12.61 -10.66
CA PRO A 374 -18.51 12.98 -10.05
C PRO A 374 -17.27 12.37 -10.72
N GLU A 375 -17.47 11.29 -11.49
CA GLU A 375 -16.37 10.64 -12.21
C GLU A 375 -15.63 11.61 -13.13
N VAL A 376 -16.37 12.51 -13.75
CA VAL A 376 -15.80 13.47 -14.71
C VAL A 376 -14.76 14.39 -14.06
N PRO A 377 -15.17 15.24 -13.07
CA PRO A 377 -14.17 16.10 -12.42
C PRO A 377 -13.11 15.36 -11.59
N THR A 378 -13.40 14.15 -11.12
CA THR A 378 -12.44 13.35 -10.35
C THR A 378 -11.23 12.93 -11.19
N PHE A 379 -11.47 12.29 -12.33
CA PHE A 379 -10.39 11.89 -13.23
C PHE A 379 -9.68 13.08 -13.86
N PHE A 380 -10.42 14.17 -14.10
CA PHE A 380 -9.85 15.42 -14.61
C PHE A 380 -8.92 16.08 -13.57
N ALA A 381 -9.35 16.08 -12.31
CA ALA A 381 -8.53 16.53 -11.20
C ALA A 381 -7.23 15.73 -11.06
N GLU A 382 -7.29 14.43 -11.36
CA GLU A 382 -6.10 13.57 -11.41
C GLU A 382 -5.12 14.01 -12.49
N ILE A 383 -5.65 14.32 -13.68
CA ILE A 383 -4.86 14.87 -14.79
C ILE A 383 -4.22 16.21 -14.42
N LEU A 384 -5.00 17.09 -13.80
CA LEU A 384 -4.55 18.43 -13.42
C LEU A 384 -3.45 18.39 -12.36
N THR A 385 -3.61 17.52 -11.37
CA THR A 385 -2.59 17.30 -10.36
C THR A 385 -1.28 16.86 -11.01
N ASP A 386 -1.37 15.86 -11.90
CA ASP A 386 -0.21 15.34 -12.64
C ASP A 386 0.47 16.42 -13.50
N ARG A 387 -0.34 17.30 -14.07
CA ARG A 387 0.15 18.43 -14.87
C ARG A 387 0.77 19.52 -14.01
N GLY A 388 0.54 19.45 -12.70
CA GLY A 388 1.08 20.43 -11.74
C GLY A 388 0.11 21.55 -11.40
N ASP A 389 -1.09 21.49 -11.95
CA ASP A 389 -2.11 22.51 -11.68
C ASP A 389 -2.95 22.12 -10.46
N PHE A 390 -2.41 22.45 -9.29
CA PHE A 390 -3.03 22.09 -8.01
C PHE A 390 -4.26 22.94 -7.69
N ASP A 391 -4.26 24.19 -8.15
CA ASP A 391 -5.38 25.11 -7.93
C ASP A 391 -6.68 24.64 -8.59
N THR A 392 -6.58 24.24 -9.86
CA THR A 392 -7.74 23.78 -10.62
C THR A 392 -8.16 22.38 -10.19
N ALA A 393 -7.17 21.55 -9.80
CA ALA A 393 -7.43 20.19 -9.31
C ALA A 393 -8.28 20.21 -8.03
N ILE A 394 -7.96 21.13 -7.13
CA ILE A 394 -8.73 21.31 -5.88
C ILE A 394 -10.17 21.73 -6.20
N LYS A 395 -10.32 22.64 -7.16
CA LYS A 395 -11.65 23.10 -7.59
C LYS A 395 -12.45 21.95 -8.19
N GLN A 396 -11.78 21.11 -8.97
CA GLN A 396 -12.43 19.96 -9.59
C GLN A 396 -12.77 18.87 -8.57
N TYR A 397 -11.90 18.67 -7.57
CA TYR A 397 -12.17 17.77 -6.46
C TYR A 397 -13.31 18.25 -5.56
N ASP A 398 -13.46 19.58 -5.41
CA ASP A 398 -14.57 20.16 -4.67
C ASP A 398 -15.90 19.92 -5.38
N ILE A 399 -15.88 20.07 -6.71
CA ILE A 399 -17.06 19.77 -7.51
C ILE A 399 -17.45 18.29 -7.38
N ALA A 400 -16.44 17.42 -7.49
CA ALA A 400 -16.66 15.97 -7.40
C ALA A 400 -17.20 15.54 -6.03
N LYS A 401 -16.71 16.16 -4.97
CA LYS A 401 -17.17 15.85 -3.61
C LYS A 401 -18.65 16.21 -3.46
N ARG A 402 -19.01 17.41 -3.93
CA ARG A 402 -20.38 17.90 -3.96
C ARG A 402 -21.30 16.97 -4.76
N LEU A 403 -20.88 16.58 -5.96
CA LEU A 403 -21.67 15.67 -6.79
C LEU A 403 -21.80 14.27 -6.18
N GLU A 404 -20.73 13.78 -5.54
CA GLU A 404 -20.76 12.47 -4.88
C GLU A 404 -21.72 12.42 -3.70
N GLU A 405 -21.76 13.51 -2.92
CA GLU A 405 -22.65 13.60 -1.75
C GLU A 405 -24.13 13.51 -2.09
N VAL A 406 -24.54 14.05 -3.24
CA VAL A 406 -25.95 14.06 -3.66
C VAL A 406 -26.43 12.77 -4.36
N GLN A 407 -25.49 11.95 -4.84
CA GLN A 407 -25.84 10.71 -5.51
C GLN A 407 -26.32 9.64 -4.52
N GLU A 408 -27.38 8.90 -4.88
CA GLU A 408 -27.85 7.77 -4.07
C GLU A 408 -26.85 6.61 -4.08
N LYS A 409 -26.18 6.42 -5.21
CA LYS A 409 -25.19 5.36 -5.36
C LYS A 409 -23.78 5.90 -5.10
N ILE A 410 -22.86 5.01 -4.77
CA ILE A 410 -21.45 5.35 -4.75
C ILE A 410 -20.95 5.46 -6.19
N HIS A 411 -20.32 6.57 -6.52
CA HIS A 411 -19.68 6.72 -7.83
C HIS A 411 -18.15 6.75 -7.67
N VAL A 412 -17.63 7.79 -7.01
CA VAL A 412 -16.20 7.93 -6.78
C VAL A 412 -15.80 7.78 -5.31
N GLY A 413 -16.79 7.61 -4.43
CA GLY A 413 -16.55 7.36 -3.02
C GLY A 413 -15.68 8.42 -2.37
N ILE A 414 -14.64 7.98 -1.68
CA ILE A 414 -13.74 8.87 -0.94
C ILE A 414 -12.58 9.40 -1.79
N GLY A 415 -12.58 9.03 -3.08
CA GLY A 415 -11.55 9.49 -4.03
C GLY A 415 -11.22 10.98 -3.96
N PRO A 416 -12.24 11.86 -4.11
CA PRO A 416 -12.05 13.31 -3.95
C PRO A 416 -11.45 13.75 -2.61
N LEU A 417 -11.83 13.07 -1.52
CA LEU A 417 -11.28 13.39 -0.19
C LEU A 417 -9.77 13.12 -0.12
N ILE A 418 -9.37 11.94 -0.58
CA ILE A 418 -7.96 11.56 -0.65
C ILE A 418 -7.19 12.51 -1.57
N GLY A 419 -7.77 12.80 -2.73
CA GLY A 419 -7.15 13.66 -3.75
C GLY A 419 -6.89 15.06 -3.25
N LYS A 420 -7.93 15.70 -2.69
CA LYS A 420 -7.77 17.04 -2.15
C LYS A 420 -6.77 17.07 -0.99
N ALA A 421 -6.90 16.11 -0.07
CA ALA A 421 -6.04 16.05 1.12
C ALA A 421 -4.56 15.88 0.78
N THR A 422 -4.28 15.03 -0.22
CA THR A 422 -2.91 14.77 -0.69
C THR A 422 -2.28 16.04 -1.28
N ILE A 423 -3.05 16.79 -2.07
CA ILE A 423 -2.60 18.07 -2.60
C ILE A 423 -2.33 19.07 -1.47
N LEU A 424 -3.29 19.23 -0.57
CA LEU A 424 -3.17 20.15 0.56
C LEU A 424 -1.98 19.86 1.47
N ALA A 425 -1.73 18.57 1.74
CA ALA A 425 -0.58 18.18 2.54
C ALA A 425 0.74 18.51 1.85
N ARG A 426 0.77 18.36 0.52
CA ARG A 426 1.95 18.70 -0.28
C ARG A 426 2.18 20.21 -0.35
N GLN A 427 1.09 20.97 -0.46
CA GLN A 427 1.15 22.43 -0.48
C GLN A 427 1.63 23.02 0.85
N SER A 428 1.29 22.32 1.95
CA SER A 428 1.69 22.75 3.29
C SER A 428 3.19 22.54 3.52
N LEU A 435 4.99 24.10 7.67
CA LEU A 435 4.76 25.38 8.33
C LEU A 435 3.34 25.90 8.13
N ASP A 436 2.72 25.51 7.02
CA ASP A 436 1.34 25.90 6.72
C ASP A 436 0.39 25.00 7.51
N GLU A 437 0.04 25.44 8.72
CA GLU A 437 -0.72 24.65 9.68
C GLU A 437 -2.19 24.49 9.29
N GLU A 438 -2.73 25.50 8.61
CA GLU A 438 -4.12 25.48 8.16
C GLU A 438 -4.37 24.36 7.14
N LYS A 439 -3.48 24.25 6.14
CA LYS A 439 -3.59 23.24 5.09
C LYS A 439 -3.29 21.83 5.60
N PHE A 440 -2.34 21.72 6.52
CA PHE A 440 -1.96 20.44 7.11
C PHE A 440 -3.10 19.85 7.94
N ASN A 441 -3.67 20.66 8.83
CA ASN A 441 -4.79 20.22 9.66
C ASN A 441 -6.05 19.96 8.84
N ALA A 442 -6.20 20.72 7.75
CA ALA A 442 -7.28 20.50 6.79
C ALA A 442 -7.13 19.15 6.09
N ALA A 443 -5.89 18.79 5.74
CA ALA A 443 -5.59 17.49 5.16
C ALA A 443 -5.89 16.35 6.13
N ILE A 444 -5.57 16.55 7.40
CA ILE A 444 -5.87 15.59 8.47
C ILE A 444 -7.37 15.33 8.57
N LYS A 445 -8.15 16.41 8.59
CA LYS A 445 -9.61 16.34 8.71
C LYS A 445 -10.27 15.58 7.55
N LEU A 446 -9.77 15.80 6.33
CA LEU A 446 -10.29 15.14 5.13
C LEU A 446 -9.99 13.65 5.13
N LEU A 447 -8.75 13.30 5.48
CA LEU A 447 -8.34 11.91 5.54
C LEU A 447 -8.97 11.12 6.69
N THR A 448 -9.18 11.80 7.82
CA THR A 448 -9.91 11.21 8.94
C THR A 448 -11.35 10.90 8.52
N LYS A 449 -12.00 11.87 7.89
CA LYS A 449 -13.34 11.69 7.32
C LYS A 449 -13.37 10.53 6.31
N ALA A 450 -12.36 10.46 5.45
CA ALA A 450 -12.27 9.42 4.43
C ALA A 450 -12.12 8.04 5.07
N CYS A 451 -11.30 7.95 6.11
CA CYS A 451 -11.14 6.72 6.89
C CYS A 451 -12.43 6.27 7.59
N GLU A 452 -13.23 7.25 8.03
CA GLU A 452 -14.50 6.98 8.70
C GLU A 452 -15.58 6.51 7.72
N LEU A 453 -15.59 7.09 6.52
CA LEU A 453 -16.58 6.76 5.50
C LEU A 453 -16.29 5.45 4.77
N ASP A 454 -15.00 5.13 4.59
CA ASP A 454 -14.61 3.90 3.91
C ASP A 454 -13.50 3.20 4.71
N PRO A 455 -13.87 2.56 5.84
CA PRO A 455 -12.93 1.93 6.79
C PRO A 455 -11.98 0.88 6.21
N ARG A 456 -12.36 0.26 5.08
CA ARG A 456 -11.53 -0.80 4.48
C ARG A 456 -10.57 -0.27 3.41
N SER A 457 -10.47 1.05 3.30
CA SER A 457 -9.53 1.69 2.38
C SER A 457 -8.13 1.79 3.01
N GLU A 458 -7.20 1.00 2.47
CA GLU A 458 -5.80 1.05 2.92
C GLU A 458 -5.15 2.36 2.50
N GLN A 459 -5.58 2.90 1.36
CA GLN A 459 -5.07 4.16 0.82
C GLN A 459 -5.31 5.33 1.77
N ALA A 460 -6.53 5.41 2.32
CA ALA A 460 -6.90 6.45 3.26
C ALA A 460 -6.10 6.35 4.57
N LYS A 461 -6.00 5.13 5.10
CA LYS A 461 -5.23 4.86 6.33
C LYS A 461 -3.75 5.20 6.18
N ILE A 462 -3.14 4.79 5.06
CA ILE A 462 -1.74 5.11 4.76
C ILE A 462 -1.54 6.63 4.69
N GLY A 463 -2.44 7.30 3.98
CA GLY A 463 -2.41 8.77 3.85
C GLY A 463 -2.47 9.46 5.19
N LEU A 464 -3.41 9.05 6.02
CA LEU A 464 -3.61 9.63 7.34
C LEU A 464 -2.41 9.37 8.27
N ALA A 465 -1.89 8.14 8.22
CA ALA A 465 -0.76 7.72 9.04
C ALA A 465 0.50 8.55 8.79
N GLN A 466 0.82 8.77 7.51
CA GLN A 466 2.00 9.56 7.13
C GLN A 466 1.94 10.96 7.72
N LEU A 467 0.73 11.54 7.76
CA LEU A 467 0.50 12.83 8.36
C LEU A 467 0.53 12.79 9.89
N LYS A 468 -0.04 11.74 10.49
CA LYS A 468 0.01 11.54 11.93
C LYS A 468 1.47 11.43 12.41
N LEU A 469 2.26 10.68 11.64
CA LEU A 469 3.69 10.52 11.89
C LEU A 469 4.43 11.86 11.81
N GLN A 470 4.08 12.67 10.82
CA GLN A 470 4.66 14.01 10.64
C GLN A 470 4.42 14.94 11.82
N MET A 471 3.28 14.79 12.49
CA MET A 471 2.96 15.61 13.67
C MET A 471 3.19 14.87 14.98
N GLU A 472 4.00 13.82 14.92
CA GLU A 472 4.44 13.04 16.09
C GLU A 472 3.31 12.40 16.90
N LYS A 473 2.21 12.08 16.20
CA LYS A 473 1.19 11.18 16.72
C LYS A 473 1.56 9.78 16.23
N ILE A 474 2.62 9.24 16.82
CA ILE A 474 3.28 8.04 16.30
C ILE A 474 2.50 6.76 16.60
N ASP A 475 1.95 6.65 17.82
CA ASP A 475 1.11 5.52 18.19
C ASP A 475 -0.04 5.35 17.18
N GLU A 476 -0.68 6.47 16.83
CA GLU A 476 -1.76 6.47 15.84
C GLU A 476 -1.28 6.04 14.47
N ALA A 477 -0.13 6.58 14.05
CA ALA A 477 0.50 6.20 12.79
C ALA A 477 0.75 4.70 12.71
N ILE A 478 1.39 4.14 13.75
CA ILE A 478 1.68 2.70 13.82
C ILE A 478 0.40 1.86 13.63
N GLU A 479 -0.65 2.19 14.37
CA GLU A 479 -1.91 1.45 14.29
C GLU A 479 -2.50 1.50 12.88
N LEU A 480 -2.55 2.69 12.30
CA LEU A 480 -3.00 2.88 10.92
C LEU A 480 -2.16 2.10 9.91
N PHE A 481 -0.83 2.18 10.04
CA PHE A 481 0.08 1.42 9.16
C PHE A 481 -0.14 -0.09 9.29
N GLU A 482 -0.33 -0.57 10.52
CA GLU A 482 -0.53 -1.99 10.78
C GLU A 482 -1.88 -2.51 10.27
N ASP A 483 -2.91 -1.70 10.38
CA ASP A 483 -4.22 -2.03 9.80
C ASP A 483 -4.15 -2.01 8.28
N SER A 484 -3.36 -1.07 7.73
CA SER A 484 -3.12 -1.01 6.29
C SER A 484 -2.42 -2.25 5.75
N ALA A 485 -1.52 -2.82 6.56
CA ALA A 485 -0.80 -4.04 6.18
C ALA A 485 -1.74 -5.24 6.04
N ILE A 486 -2.72 -5.33 6.94
CA ILE A 486 -3.74 -6.39 6.92
C ILE A 486 -4.66 -6.22 5.71
N LEU A 487 -5.02 -4.97 5.42
CA LEU A 487 -5.90 -4.64 4.30
C LEU A 487 -5.20 -4.69 2.94
N ALA A 488 -3.88 -4.60 2.94
CA ALA A 488 -3.09 -4.53 1.69
C ALA A 488 -3.20 -5.80 0.85
N ARG A 489 -3.08 -5.63 -0.47
CA ARG A 489 -3.36 -6.69 -1.42
C ARG A 489 -2.15 -7.59 -1.73
N THR A 490 -1.19 -7.05 -2.46
CA THR A 490 -0.02 -7.82 -2.88
C THR A 490 0.98 -7.98 -1.73
N MET A 491 2.01 -8.79 -1.97
CA MET A 491 3.06 -9.01 -1.00
C MET A 491 3.90 -7.75 -0.79
N ASP A 492 4.17 -7.04 -1.89
CA ASP A 492 4.98 -5.82 -1.85
C ASP A 492 4.25 -4.66 -1.16
N GLU A 493 2.93 -4.60 -1.31
CA GLU A 493 2.10 -3.60 -0.66
C GLU A 493 1.97 -3.86 0.84
N LYS A 494 1.88 -5.15 1.20
CA LYS A 494 1.85 -5.57 2.60
C LYS A 494 3.19 -5.26 3.30
N LEU A 495 4.29 -5.61 2.64
CA LEU A 495 5.64 -5.37 3.16
C LEU A 495 5.92 -3.87 3.32
N GLN A 496 5.42 -3.09 2.36
CA GLN A 496 5.52 -1.63 2.37
C GLN A 496 4.88 -1.02 3.62
N ALA A 497 3.68 -1.49 3.95
CA ALA A 497 2.92 -0.96 5.09
C ALA A 497 3.52 -1.42 6.42
N THR A 498 3.99 -2.67 6.45
CA THR A 498 4.71 -3.22 7.61
C THR A 498 6.04 -2.49 7.83
N THR A 499 6.72 -2.13 6.74
CA THR A 499 7.95 -1.34 6.79
C THR A 499 7.72 0.03 7.43
N PHE A 500 6.62 0.69 7.04
CA PHE A 500 6.23 1.96 7.63
C PHE A 500 6.00 1.84 9.14
N ALA A 501 5.32 0.78 9.55
CA ALA A 501 5.03 0.52 10.96
C ALA A 501 6.29 0.25 11.79
N GLU A 502 7.15 -0.63 11.29
CA GLU A 502 8.39 -0.98 11.97
C GLU A 502 9.37 0.18 12.09
N ALA A 503 9.42 1.03 11.06
CA ALA A 503 10.22 2.24 11.09
C ALA A 503 9.65 3.25 12.09
N ALA A 504 8.32 3.34 12.14
CA ALA A 504 7.60 4.24 13.06
C ALA A 504 7.84 3.88 14.53
N LYS A 505 7.93 2.58 14.82
CA LYS A 505 8.19 2.08 16.17
C LYS A 505 9.58 2.47 16.67
N ILE A 506 10.55 2.53 15.77
CA ILE A 506 11.88 3.01 16.11
C ILE A 506 11.85 4.51 16.43
N GLN A 507 11.10 5.27 15.64
CA GLN A 507 10.90 6.70 15.87
C GLN A 507 10.30 6.94 17.26
N LYS A 508 9.28 6.15 17.60
CA LYS A 508 8.64 6.15 18.90
C LYS A 508 9.67 5.91 20.02
N ARG A 509 10.48 4.87 19.84
CA ARG A 509 11.55 4.52 20.78
C ARG A 509 12.58 5.65 20.94
N LEU A 510 12.96 6.28 19.83
CA LEU A 510 13.90 7.41 19.84
C LEU A 510 13.32 8.61 20.58
N ARG A 511 12.05 8.91 20.30
CA ARG A 511 11.35 10.06 20.87
C ARG A 511 11.12 9.95 22.38
N ALA A 512 11.05 8.71 22.87
CA ALA A 512 10.83 8.44 24.29
C ALA A 512 12.02 8.84 25.16
N ASP A 513 13.19 8.99 24.55
CA ASP A 513 14.36 9.46 25.27
C ASP A 513 14.51 10.98 25.10
N PRO A 514 14.43 11.73 26.22
CA PRO A 514 14.49 13.20 26.25
C PRO A 514 15.71 13.78 25.53
N ILE A 515 16.87 13.17 25.75
CA ILE A 515 18.15 13.60 25.16
C ILE A 515 18.18 13.38 23.64
N ILE A 516 17.75 12.21 23.19
CA ILE A 516 17.68 11.88 21.77
C ILE A 516 16.63 12.76 21.10
N SER A 517 15.47 12.89 21.74
CA SER A 517 14.38 13.74 21.27
C SER A 517 14.82 15.20 21.09
N ALA A 518 15.60 15.71 22.05
CA ALA A 518 16.13 17.07 21.99
C ALA A 518 17.12 17.19 20.84
N LYS A 519 17.97 16.18 20.70
CA LYS A 519 18.92 16.11 19.59
C LYS A 519 18.23 16.12 18.23
N MET A 520 17.14 15.35 18.11
CA MET A 520 16.34 15.28 16.87
C MET A 520 15.71 16.64 16.54
N GLU A 521 15.17 17.29 17.56
CA GLU A 521 14.56 18.61 17.36
C GLU A 521 15.60 19.69 17.03
N LEU A 522 16.77 19.62 17.65
CA LEU A 522 17.87 20.54 17.35
C LEU A 522 18.33 20.39 15.90
N THR A 523 18.42 19.15 15.44
CA THR A 523 18.81 18.84 14.06
C THR A 523 17.86 19.49 13.05
N LEU A 524 16.56 19.32 13.27
CA LEU A 524 15.53 19.93 12.43
C LEU A 524 15.59 21.46 12.47
N ALA A 525 15.74 22.02 13.67
CA ALA A 525 15.84 23.47 13.85
C ALA A 525 17.05 24.06 13.11
N ARG A 526 18.21 23.39 13.24
CA ARG A 526 19.43 23.79 12.55
C ARG A 526 19.27 23.71 11.03
N TYR A 527 18.64 22.64 10.55
CA TYR A 527 18.38 22.45 9.13
C TYR A 527 17.56 23.62 8.56
N ARG A 528 16.43 23.92 9.21
CA ARG A 528 15.55 25.01 8.82
C ARG A 528 16.21 26.38 8.86
N ALA A 529 17.00 26.63 9.90
CA ALA A 529 17.75 27.89 10.02
C ALA A 529 18.82 28.05 8.93
N LYS A 530 19.48 26.95 8.59
CA LYS A 530 20.49 26.95 7.52
C LYS A 530 19.87 27.12 6.14
N GLY A 531 18.57 26.84 6.04
CA GLY A 531 17.81 27.07 4.81
C GLY A 531 17.31 28.50 4.75
N GLU B 9 37.12 -3.61 13.29
CA GLU B 9 38.38 -3.60 12.49
C GLU B 9 39.44 -2.65 13.06
N GLU B 10 39.01 -1.54 13.62
CA GLU B 10 39.94 -0.48 14.06
C GLU B 10 39.93 -0.22 15.56
N VAL B 11 41.12 0.02 16.10
CA VAL B 11 41.30 0.21 17.53
C VAL B 11 41.71 1.66 17.86
N ASP B 12 41.22 2.18 18.99
CA ASP B 12 41.52 3.55 19.40
C ASP B 12 42.73 3.65 20.33
#